data_5F4V
#
_entry.id   5F4V
#
_cell.length_a   121.300
_cell.length_b   121.300
_cell.length_c   53.400
_cell.angle_alpha   90.00
_cell.angle_beta   90.00
_cell.angle_gamma   120.00
#
_symmetry.space_group_name_H-M   'H 3'
#
loop_
_entity.id
_entity.type
_entity.pdbx_description
1 polymer 'Izumo sperm-egg fusion protein 1'
2 non-polymer 2-acetamido-2-deoxy-beta-D-glucopyranose
3 water water
#
_entity_poly.entity_id   1
_entity_poly.type   'polypeptide(L)'
_entity_poly.pdbx_seq_one_letter_code
;CVICDPSVVLALKSLEKDYLPGHLDAKHHKAMMERVENAVKDFQELSLNEDAYMGVVDEATLQKGSWSLLKDLKRITDSD
VKGDLFVKELFWMLHLQKETFATYVARFQKEAYCPNKCGVMLQTLIWCKNCKKEVHACRKSYDCGERNVEVPQMEDMILD
CELNWHQASEGLTDYSFYRVWGNNTETLVSKGKEATLTKPMVGPEDAGSYRCELGSVNSSPATIINFHVTVLPKMIKEEK
PSPNIVTGRLVPR
;
_entity_poly.pdbx_strand_id   A
#
loop_
_chem_comp.id
_chem_comp.type
_chem_comp.name
_chem_comp.formula
NAG D-saccharide, beta linking 2-acetamido-2-deoxy-beta-D-glucopyranose 'C8 H15 N O6'
#
# COMPACT_ATOMS: atom_id res chain seq x y z
N CYS A 1 -10.67 -0.05 -11.33
CA CYS A 1 -9.59 0.91 -11.79
C CYS A 1 -8.49 0.22 -12.55
N VAL A 2 -8.69 -1.01 -12.93
CA VAL A 2 -7.56 -1.81 -13.39
C VAL A 2 -7.23 -1.59 -14.86
N ILE A 3 -7.95 -0.72 -15.52
CA ILE A 3 -7.66 -0.44 -16.89
C ILE A 3 -6.65 0.69 -16.94
N CYS A 4 -6.44 1.32 -15.80
CA CYS A 4 -5.38 2.31 -15.63
C CYS A 4 -3.98 1.69 -15.84
N ASP A 5 -3.90 0.35 -15.87
CA ASP A 5 -2.64 -0.36 -16.05
C ASP A 5 -2.37 -0.57 -17.55
N PRO A 6 -1.33 0.07 -18.06
CA PRO A 6 -0.94 -0.10 -19.44
C PRO A 6 -0.87 -1.58 -19.87
N SER A 7 -0.56 -2.48 -18.95
CA SER A 7 -0.47 -3.89 -19.31
C SER A 7 -1.84 -4.49 -19.60
N VAL A 8 -2.82 -4.16 -18.77
CA VAL A 8 -4.18 -4.56 -19.04
C VAL A 8 -4.65 -4.09 -20.41
N VAL A 9 -4.28 -2.89 -20.80
CA VAL A 9 -4.73 -2.35 -22.06
C VAL A 9 -4.17 -3.14 -23.23
N LEU A 10 -2.90 -3.48 -23.15
CA LEU A 10 -2.25 -4.19 -24.24
C LEU A 10 -2.76 -5.61 -24.32
N ALA A 11 -3.01 -6.22 -23.19
CA ALA A 11 -3.51 -7.60 -23.17
C ALA A 11 -4.86 -7.68 -23.81
N LEU A 12 -5.63 -6.59 -23.69
CA LEU A 12 -6.94 -6.48 -24.32
C LEU A 12 -6.78 -6.34 -25.81
N LYS A 13 -5.86 -5.45 -26.20
CA LYS A 13 -5.50 -5.19 -27.60
C LYS A 13 -4.81 -6.38 -28.27
N SER A 14 -4.38 -7.34 -27.46
CA SER A 14 -3.82 -8.59 -27.93
C SER A 14 -4.89 -9.68 -28.07
N LEU A 15 -5.84 -9.72 -27.16
CA LEU A 15 -7.00 -10.58 -27.31
C LEU A 15 -7.74 -10.33 -28.67
N GLU A 16 -8.05 -9.08 -28.92
CA GLU A 16 -8.71 -8.65 -30.15
C GLU A 16 -7.89 -9.01 -31.41
N LYS A 17 -6.60 -8.72 -31.37
CA LYS A 17 -5.75 -8.81 -32.54
C LYS A 17 -5.08 -10.15 -32.70
N ASP A 18 -4.75 -10.81 -31.60
CA ASP A 18 -4.00 -12.06 -31.70
C ASP A 18 -4.88 -13.28 -31.46
N TYR A 19 -5.80 -13.20 -30.50
CA TYR A 19 -6.59 -14.37 -30.13
C TYR A 19 -7.93 -14.53 -30.91
N LEU A 20 -8.72 -13.48 -30.98
CA LEU A 20 -10.07 -13.56 -31.60
C LEU A 20 -10.10 -14.12 -33.02
N PRO A 21 -9.08 -13.80 -33.84
CA PRO A 21 -9.10 -14.29 -35.21
C PRO A 21 -9.27 -15.79 -35.37
N GLY A 22 -8.68 -16.55 -34.47
CA GLY A 22 -8.66 -18.00 -34.63
C GLY A 22 -9.55 -18.77 -33.67
N HIS A 23 -10.42 -18.05 -32.94
CA HIS A 23 -11.15 -18.67 -31.85
C HIS A 23 -12.61 -18.13 -31.70
N LEU A 24 -12.98 -17.15 -32.50
CA LEU A 24 -14.36 -16.62 -32.52
C LEU A 24 -14.71 -16.19 -33.95
N ASP A 25 -15.91 -16.50 -34.43
CA ASP A 25 -16.30 -15.94 -35.68
C ASP A 25 -16.32 -14.42 -35.72
N ALA A 26 -15.85 -13.88 -36.84
CA ALA A 26 -15.61 -12.45 -36.95
C ALA A 26 -16.87 -11.59 -36.72
N LYS A 27 -18.06 -12.15 -36.87
CA LYS A 27 -19.24 -11.37 -36.54
C LYS A 27 -19.22 -10.92 -35.08
N HIS A 28 -18.63 -11.71 -34.21
CA HIS A 28 -18.68 -11.41 -32.78
C HIS A 28 -17.53 -10.51 -32.30
N HIS A 29 -16.53 -10.33 -33.13
CA HIS A 29 -15.31 -9.63 -32.73
C HIS A 29 -15.57 -8.20 -32.19
N LYS A 30 -16.02 -7.29 -33.04
CA LYS A 30 -16.26 -5.88 -32.59
C LYS A 30 -17.22 -5.85 -31.43
N ALA A 31 -18.28 -6.66 -31.52
CA ALA A 31 -19.33 -6.69 -30.49
C ALA A 31 -18.83 -7.20 -29.16
N MET A 32 -18.10 -8.31 -29.18
CA MET A 32 -17.62 -8.88 -27.96
C MET A 32 -16.48 -8.02 -27.31
N MET A 33 -15.57 -7.54 -28.12
CA MET A 33 -14.56 -6.61 -27.64
C MET A 33 -15.16 -5.33 -27.11
N GLU A 34 -16.21 -4.86 -27.75
CA GLU A 34 -16.99 -3.73 -27.20
C GLU A 34 -17.43 -4.09 -25.77
N ARG A 35 -17.90 -5.31 -25.59
CA ARG A 35 -18.41 -5.77 -24.28
C ARG A 35 -17.30 -5.99 -23.27
N VAL A 36 -16.18 -6.49 -23.73
CA VAL A 36 -15.05 -6.74 -22.87
C VAL A 36 -14.46 -5.44 -22.32
N GLU A 37 -14.27 -4.46 -23.19
CA GLU A 37 -13.71 -3.15 -22.80
C GLU A 37 -14.63 -2.49 -21.77
N ASN A 38 -15.92 -2.58 -22.01
CA ASN A 38 -16.91 -2.03 -21.10
C ASN A 38 -16.93 -2.76 -19.77
N ALA A 39 -16.80 -4.07 -19.81
CA ALA A 39 -16.79 -4.86 -18.59
C ALA A 39 -15.64 -4.46 -17.69
N VAL A 40 -14.46 -4.32 -18.27
CA VAL A 40 -13.24 -4.02 -17.50
C VAL A 40 -13.22 -2.61 -16.96
N LYS A 41 -13.63 -1.64 -17.78
CA LYS A 41 -13.89 -0.26 -17.25
C LYS A 41 -14.87 -0.28 -16.09
N ASP A 42 -15.79 -1.24 -16.07
CA ASP A 42 -16.82 -1.28 -15.04
C ASP A 42 -16.26 -1.83 -13.71
N PHE A 43 -15.00 -2.23 -13.74
CA PHE A 43 -14.30 -2.60 -12.54
C PHE A 43 -14.30 -1.42 -11.57
N GLN A 44 -14.39 -0.22 -12.10
CA GLN A 44 -14.48 0.98 -11.26
C GLN A 44 -15.93 1.28 -10.71
N GLU A 45 -16.95 0.57 -11.18
CA GLU A 45 -18.30 0.76 -10.61
C GLU A 45 -18.53 -0.23 -9.49
N LEU A 46 -18.27 0.20 -8.26
CA LEU A 46 -18.27 -0.71 -7.11
C LEU A 46 -19.23 -0.23 -6.06
N SER A 47 -19.86 -1.19 -5.36
CA SER A 47 -20.81 -0.88 -4.28
C SER A 47 -20.17 -1.13 -2.89
N LEU A 48 -19.59 -2.31 -2.72
CA LEU A 48 -18.65 -2.58 -1.58
C LEU A 48 -19.29 -3.01 -0.25
N ASN A 49 -20.60 -3.23 -0.23
CA ASN A 49 -21.34 -3.43 1.04
C ASN A 49 -21.22 -2.21 1.94
N GLU A 50 -20.81 -2.40 3.20
CA GLU A 50 -20.33 -1.26 4.01
C GLU A 50 -18.95 -1.47 4.53
N ASP A 51 -18.03 -0.60 4.07
CA ASP A 51 -18.29 0.87 4.07
C ASP A 51 -18.55 1.28 2.61
N ALA A 52 -18.74 2.57 2.37
CA ALA A 52 -18.91 3.07 1.01
C ALA A 52 -17.59 3.18 0.29
N TYR A 53 -17.65 3.22 -1.03
CA TYR A 53 -16.48 3.16 -1.91
C TYR A 53 -16.13 4.56 -2.38
N MET A 54 -14.84 4.88 -2.43
CA MET A 54 -14.42 6.28 -2.58
C MET A 54 -13.98 6.61 -4.01
N GLY A 55 -13.65 5.60 -4.78
CA GLY A 55 -13.16 5.81 -6.15
C GLY A 55 -11.68 5.95 -6.22
N VAL A 56 -11.00 5.46 -5.21
CA VAL A 56 -9.52 5.51 -5.15
C VAL A 56 -8.94 4.18 -4.72
N VAL A 57 -7.81 3.84 -5.31
CA VAL A 57 -6.99 2.77 -4.81
C VAL A 57 -5.56 3.24 -4.71
N ASP A 58 -4.74 2.53 -3.95
CA ASP A 58 -3.33 2.74 -4.00
C ASP A 58 -2.81 1.94 -5.17
N GLU A 59 -1.55 2.11 -5.52
CA GLU A 59 -1.02 1.51 -6.73
C GLU A 59 -0.85 -0.03 -6.58
N ALA A 60 -0.67 -0.50 -5.35
CA ALA A 60 -0.56 -1.93 -5.09
C ALA A 60 -1.88 -2.64 -5.37
N THR A 61 -2.96 -2.08 -4.88
CA THR A 61 -4.27 -2.67 -5.10
C THR A 61 -4.58 -2.70 -6.56
N LEU A 62 -4.12 -1.71 -7.27
CA LEU A 62 -4.36 -1.64 -8.69
C LEU A 62 -3.60 -2.74 -9.42
N GLN A 63 -2.35 -2.92 -9.06
CA GLN A 63 -1.51 -3.94 -9.64
C GLN A 63 -2.03 -5.31 -9.28
N LYS A 64 -2.51 -5.43 -8.06
CA LYS A 64 -2.98 -6.67 -7.58
C LYS A 64 -4.14 -7.15 -8.45
N GLY A 65 -5.06 -6.24 -8.76
CA GLY A 65 -6.21 -6.56 -9.56
C GLY A 65 -5.87 -6.84 -11.02
N SER A 66 -4.86 -6.19 -11.54
CA SER A 66 -4.51 -6.43 -12.92
C SER A 66 -3.90 -7.78 -13.06
N TRP A 67 -3.22 -8.22 -12.01
CA TRP A 67 -2.62 -9.53 -12.01
C TRP A 67 -3.66 -10.62 -11.96
N SER A 68 -4.59 -10.52 -11.03
CA SER A 68 -5.67 -11.51 -10.96
C SER A 68 -6.31 -11.68 -12.30
N LEU A 69 -6.61 -10.56 -12.92
CA LEU A 69 -7.36 -10.54 -14.12
C LEU A 69 -6.59 -11.15 -15.28
N LEU A 70 -5.38 -10.66 -15.48
CA LEU A 70 -4.59 -11.06 -16.63
C LEU A 70 -4.05 -12.47 -16.52
N LYS A 71 -3.86 -12.96 -15.30
CA LYS A 71 -3.53 -14.37 -15.13
C LYS A 71 -4.73 -15.23 -15.46
N ASP A 72 -5.91 -14.71 -15.20
CA ASP A 72 -7.11 -15.47 -15.49
C ASP A 72 -7.37 -15.47 -17.01
N LEU A 73 -7.43 -14.30 -17.58
CA LEU A 73 -7.50 -14.16 -19.03
C LEU A 73 -6.54 -15.10 -19.77
N LYS A 74 -5.32 -15.19 -19.27
CA LYS A 74 -4.26 -15.94 -19.90
C LYS A 74 -4.49 -17.45 -19.80
N ARG A 75 -5.15 -17.89 -18.78
CA ARG A 75 -5.43 -19.28 -18.66
C ARG A 75 -6.34 -19.68 -19.82
N ILE A 76 -7.30 -18.84 -20.10
CA ILE A 76 -8.25 -19.07 -21.15
C ILE A 76 -7.52 -19.19 -22.50
N THR A 77 -6.61 -18.28 -22.78
CA THR A 77 -5.97 -18.21 -24.06
C THR A 77 -4.91 -19.32 -24.26
N ASP A 78 -4.38 -19.86 -23.18
CA ASP A 78 -3.48 -21.01 -23.27
C ASP A 78 -4.29 -22.27 -23.53
N SER A 79 -5.58 -22.17 -23.29
CA SER A 79 -6.49 -23.32 -23.35
C SER A 79 -6.89 -23.58 -24.80
N ASP A 80 -6.95 -22.52 -25.58
CA ASP A 80 -7.22 -22.62 -26.99
C ASP A 80 -8.68 -22.87 -27.26
N VAL A 81 -9.51 -22.66 -26.24
CA VAL A 81 -10.96 -22.78 -26.40
C VAL A 81 -11.50 -21.85 -27.47
N LYS A 82 -12.49 -22.33 -28.20
CA LYS A 82 -13.06 -21.59 -29.31
C LYS A 82 -14.54 -21.40 -29.10
N GLY A 83 -15.11 -20.51 -29.90
CA GLY A 83 -16.53 -20.40 -30.03
C GLY A 83 -17.25 -20.14 -28.73
N ASP A 84 -18.32 -20.88 -28.52
CA ASP A 84 -19.24 -20.61 -27.44
C ASP A 84 -18.62 -20.87 -26.09
N LEU A 85 -17.94 -21.98 -25.98
CA LEU A 85 -17.15 -22.27 -24.80
C LEU A 85 -16.27 -21.10 -24.46
N PHE A 86 -15.59 -20.57 -25.45
CA PHE A 86 -14.67 -19.46 -25.22
C PHE A 86 -15.38 -18.24 -24.63
N VAL A 87 -16.54 -17.91 -25.19
CA VAL A 87 -17.27 -16.75 -24.75
C VAL A 87 -17.78 -16.92 -23.30
N LYS A 88 -18.31 -18.09 -22.98
CA LYS A 88 -18.75 -18.35 -21.61
C LYS A 88 -17.61 -18.19 -20.65
N GLU A 89 -16.49 -18.84 -20.97
CA GLU A 89 -15.33 -18.81 -20.13
C GLU A 89 -14.88 -17.38 -19.94
N LEU A 90 -14.83 -16.65 -21.02
CA LEU A 90 -14.37 -15.28 -20.98
C LEU A 90 -15.24 -14.41 -20.06
N PHE A 91 -16.53 -14.67 -20.04
CA PHE A 91 -17.45 -13.80 -19.38
C PHE A 91 -17.71 -14.20 -17.95
N TRP A 92 -17.59 -15.49 -17.65
CA TRP A 92 -17.48 -15.92 -16.24
C TRP A 92 -16.31 -15.25 -15.60
N MET A 93 -15.16 -15.31 -16.24
CA MET A 93 -13.95 -14.83 -15.65
C MET A 93 -14.08 -13.34 -15.35
N LEU A 94 -14.59 -12.59 -16.29
CA LEU A 94 -14.75 -11.16 -16.07
C LEU A 94 -15.63 -10.91 -14.90
N HIS A 95 -16.69 -11.67 -14.78
CA HIS A 95 -17.59 -11.50 -13.68
C HIS A 95 -16.89 -11.78 -12.33
N LEU A 96 -16.19 -12.89 -12.25
CA LEU A 96 -15.48 -13.27 -11.03
C LEU A 96 -14.40 -12.26 -10.66
N GLN A 97 -13.59 -11.87 -11.63
CA GLN A 97 -12.52 -10.91 -11.39
C GLN A 97 -13.03 -9.53 -10.92
N LYS A 98 -14.23 -9.15 -11.32
CA LYS A 98 -14.81 -7.91 -10.83
C LYS A 98 -15.15 -8.04 -9.37
N GLU A 99 -15.72 -9.17 -9.03
CA GLU A 99 -16.10 -9.40 -7.70
C GLU A 99 -14.88 -9.52 -6.84
N THR A 100 -13.85 -10.17 -7.37
CA THR A 100 -12.57 -10.29 -6.68
C THR A 100 -12.00 -8.91 -6.45
N PHE A 101 -11.88 -8.12 -7.51
CA PHE A 101 -11.35 -6.74 -7.39
C PHE A 101 -12.05 -5.98 -6.30
N ALA A 102 -13.38 -5.98 -6.37
CA ALA A 102 -14.22 -5.46 -5.31
C ALA A 102 -13.72 -5.85 -3.91
N THR A 103 -13.35 -7.09 -3.72
CA THR A 103 -12.79 -7.49 -2.44
C THR A 103 -11.39 -6.86 -2.19
N TYR A 104 -10.61 -6.64 -3.25
CA TYR A 104 -9.34 -5.92 -3.09
C TYR A 104 -9.58 -4.51 -2.60
N VAL A 105 -10.51 -3.83 -3.23
CA VAL A 105 -10.79 -2.44 -2.90
C VAL A 105 -11.36 -2.35 -1.49
N ALA A 106 -12.13 -3.37 -1.11
CA ALA A 106 -12.74 -3.41 0.20
C ALA A 106 -11.67 -3.58 1.24
N ARG A 107 -10.81 -4.58 1.02
CA ARG A 107 -9.67 -4.83 1.89
C ARG A 107 -8.75 -3.57 1.94
N PHE A 108 -8.60 -2.91 0.79
CA PHE A 108 -7.74 -1.72 0.70
C PHE A 108 -8.23 -0.60 1.56
N GLN A 109 -9.53 -0.37 1.56
CA GLN A 109 -10.10 0.67 2.37
C GLN A 109 -10.05 0.31 3.86
N LYS A 110 -10.23 -0.96 4.19
CA LYS A 110 -10.34 -1.35 5.59
C LYS A 110 -8.98 -1.34 6.28
N GLU A 111 -7.91 -1.47 5.48
CA GLU A 111 -6.56 -1.82 6.01
C GLU A 111 -5.38 -0.97 5.38
N ALA A 112 -5.51 -0.56 4.13
CA ALA A 112 -4.42 0.12 3.43
C ALA A 112 -4.67 1.62 3.22
N TYR A 113 -5.94 2.02 3.31
CA TYR A 113 -6.27 3.40 3.08
C TYR A 113 -6.09 4.18 4.35
N CYS A 114 -5.20 5.16 4.29
CA CYS A 114 -4.84 5.95 5.46
C CYS A 114 -4.71 5.07 6.68
N PRO A 115 -3.80 4.11 6.61
CA PRO A 115 -3.65 3.09 7.58
C PRO A 115 -2.95 3.54 8.85
N ASN A 116 -2.38 4.74 8.85
CA ASN A 116 -1.64 5.21 10.03
C ASN A 116 -2.56 5.50 11.20
N LYS A 117 -2.14 5.04 12.38
CA LYS A 117 -2.83 5.33 13.65
C LYS A 117 -2.38 6.63 14.27
N CYS A 118 -1.28 7.18 13.76
CA CYS A 118 -0.77 8.48 14.22
C CYS A 118 0.03 9.14 13.10
N GLY A 119 0.51 10.35 13.36
CA GLY A 119 1.45 11.03 12.45
C GLY A 119 0.77 11.52 11.20
N VAL A 120 1.54 11.67 10.11
CA VAL A 120 0.98 12.12 8.86
C VAL A 120 1.54 11.36 7.68
N MET A 121 0.69 10.65 6.97
CA MET A 121 1.15 9.82 5.87
C MET A 121 0.83 10.51 4.60
N LEU A 122 1.78 10.50 3.67
CA LEU A 122 1.50 10.99 2.33
C LEU A 122 1.27 9.83 1.41
N GLN A 123 0.01 9.56 1.08
CA GLN A 123 -0.33 8.41 0.28
C GLN A 123 -0.58 8.81 -1.16
N THR A 124 0.09 8.14 -2.08
CA THR A 124 -0.23 8.26 -3.49
C THR A 124 -1.42 7.41 -3.82
N LEU A 125 -2.53 8.04 -4.15
CA LEU A 125 -3.76 7.33 -4.55
C LEU A 125 -4.03 7.53 -5.99
N ILE A 126 -4.84 6.67 -6.56
CA ILE A 126 -5.27 6.83 -7.95
C ILE A 126 -6.76 6.82 -8.07
N TRP A 127 -7.29 7.74 -8.87
CA TRP A 127 -8.74 7.83 -9.12
C TRP A 127 -9.17 6.89 -10.24
N CYS A 128 -9.92 5.87 -9.87
CA CYS A 128 -10.52 4.94 -10.80
C CYS A 128 -11.04 5.59 -12.10
N LYS A 129 -11.76 6.68 -11.98
CA LYS A 129 -12.54 7.16 -13.08
C LYS A 129 -11.67 7.83 -14.17
N ASN A 130 -10.58 8.47 -13.78
CA ASN A 130 -9.76 9.19 -14.76
C ASN A 130 -8.33 8.78 -14.77
N CYS A 131 -8.04 7.73 -14.04
CA CYS A 131 -6.67 7.17 -13.97
C CYS A 131 -5.67 8.13 -13.47
N LYS A 132 -6.12 9.06 -12.64
CA LYS A 132 -5.33 10.19 -12.25
C LYS A 132 -4.76 9.99 -10.89
N LYS A 133 -3.49 10.35 -10.76
CA LYS A 133 -2.70 10.11 -9.57
C LYS A 133 -2.59 11.38 -8.69
N GLU A 134 -2.91 11.24 -7.40
CA GLU A 134 -2.86 12.35 -6.46
C GLU A 134 -2.12 11.94 -5.18
N VAL A 135 -1.70 12.93 -4.40
CA VAL A 135 -1.07 12.66 -3.12
C VAL A 135 -1.93 13.24 -2.04
N HIS A 136 -2.34 12.40 -1.11
CA HIS A 136 -3.34 12.76 -0.12
C HIS A 136 -2.78 12.57 1.30
N ALA A 137 -2.91 13.61 2.13
CA ALA A 137 -2.34 13.60 3.49
C ALA A 137 -3.33 13.01 4.49
N CYS A 138 -2.98 11.85 5.03
CA CYS A 138 -3.70 11.26 6.13
C CYS A 138 -3.14 11.81 7.43
N ARG A 139 -3.82 12.74 8.04
CA ARG A 139 -3.31 13.35 9.28
C ARG A 139 -4.00 12.74 10.50
N LYS A 140 -3.24 12.09 11.35
CA LYS A 140 -3.79 11.46 12.57
C LYS A 140 -3.19 12.14 13.79
N SER A 141 -3.39 11.55 14.97
CA SER A 141 -2.82 12.08 16.22
C SER A 141 -1.29 12.00 16.22
N TYR A 142 -0.65 12.86 17.01
CA TYR A 142 0.78 12.82 17.11
C TYR A 142 1.22 11.80 18.13
N ASP A 143 0.27 11.23 18.84
CA ASP A 143 0.56 10.21 19.85
C ASP A 143 0.59 8.81 19.25
N CYS A 144 1.80 8.34 18.95
CA CYS A 144 2.00 7.00 18.43
C CYS A 144 1.95 5.97 19.53
N GLY A 145 1.82 6.46 20.76
CA GLY A 145 1.87 5.60 21.92
C GLY A 145 3.26 5.56 22.48
N GLU A 146 3.38 5.64 23.78
CA GLU A 146 4.68 5.72 24.43
C GLU A 146 5.32 4.36 24.52
N ARG A 147 6.57 4.29 24.12
CA ARG A 147 7.29 3.05 24.10
C ARG A 147 8.10 2.95 25.36
N ASN A 148 7.76 1.99 26.20
CA ASN A 148 8.49 1.76 27.43
C ASN A 148 9.42 0.59 27.25
N VAL A 149 10.72 0.84 27.29
CA VAL A 149 11.72 -0.15 26.94
C VAL A 149 12.48 -0.55 28.16
N GLU A 150 12.42 -1.85 28.49
CA GLU A 150 13.23 -2.43 29.57
C GLU A 150 14.38 -3.16 28.94
N VAL A 151 15.60 -2.79 29.30
CA VAL A 151 16.75 -3.46 28.78
C VAL A 151 17.69 -3.87 29.90
N PRO A 152 18.15 -5.14 29.85
CA PRO A 152 19.09 -5.76 30.80
C PRO A 152 20.42 -5.01 30.91
N GLN A 153 21.16 -5.27 31.99
CA GLN A 153 22.34 -4.46 32.36
C GLN A 153 23.28 -4.19 31.19
N MET A 154 23.73 -5.24 30.51
CA MET A 154 24.73 -5.05 29.47
C MET A 154 24.36 -5.79 28.21
N GLU A 155 23.22 -5.43 27.64
CA GLU A 155 22.82 -5.95 26.34
C GLU A 155 22.50 -4.78 25.45
N ASP A 156 22.23 -5.02 24.17
CA ASP A 156 21.96 -3.93 23.23
C ASP A 156 20.65 -3.21 23.55
N MET A 157 20.65 -1.88 23.42
CA MET A 157 19.40 -1.10 23.46
C MET A 157 19.01 -0.71 22.06
N ILE A 158 18.03 -1.38 21.49
CA ILE A 158 17.53 -1.03 20.16
C ILE A 158 16.22 -0.25 20.27
N LEU A 159 16.22 0.96 19.71
CA LEU A 159 15.01 1.78 19.61
C LEU A 159 14.52 1.84 18.16
N ASP A 160 13.37 1.25 17.89
CA ASP A 160 12.86 1.14 16.53
C ASP A 160 11.77 2.16 16.29
N CYS A 161 12.04 3.13 15.44
CA CYS A 161 11.03 4.17 15.13
C CYS A 161 10.27 3.82 13.86
N GLU A 162 10.36 2.57 13.42
CA GLU A 162 9.73 2.20 12.17
C GLU A 162 8.29 1.77 12.37
N LEU A 163 7.41 2.34 11.55
CA LEU A 163 6.05 1.92 11.50
C LEU A 163 5.80 1.32 10.15
N ASN A 164 4.84 0.40 10.08
CA ASN A 164 4.68 -0.39 8.88
C ASN A 164 4.30 0.47 7.70
N TRP A 165 3.63 1.57 7.98
CA TRP A 165 3.19 2.46 6.94
C TRP A 165 4.26 3.42 6.43
N HIS A 166 5.40 3.46 7.06
CA HIS A 166 6.44 4.39 6.63
C HIS A 166 6.96 4.08 5.22
N GLN A 167 6.97 2.80 4.85
CA GLN A 167 7.50 2.34 3.57
C GLN A 167 6.59 2.69 2.44
N ALA A 168 5.35 3.04 2.77
CA ALA A 168 4.35 3.38 1.75
C ALA A 168 4.07 4.89 1.68
N SER A 169 4.87 5.71 2.38
CA SER A 169 4.59 7.13 2.45
C SER A 169 5.52 7.95 1.55
N GLU A 170 5.02 9.08 1.07
CA GLU A 170 5.81 9.99 0.24
C GLU A 170 6.39 11.08 1.08
N GLY A 171 7.53 11.61 0.64
CA GLY A 171 8.09 12.83 1.21
C GLY A 171 8.95 12.69 2.49
N LEU A 172 9.23 11.47 2.90
CA LEU A 172 10.05 11.24 4.07
C LEU A 172 11.47 11.71 3.81
N THR A 173 12.12 12.23 4.85
CA THR A 173 13.50 12.67 4.74
C THR A 173 14.46 11.86 5.63
N ASP A 174 14.51 12.14 6.91
CA ASP A 174 15.40 11.39 7.81
C ASP A 174 14.74 11.08 9.15
N TYR A 175 15.26 10.06 9.80
CA TYR A 175 14.93 9.80 11.23
C TYR A 175 15.97 10.51 12.09
N SER A 176 15.52 11.36 13.01
CA SER A 176 16.45 11.99 13.95
C SER A 176 16.18 11.50 15.31
N PHE A 177 17.19 10.95 15.97
CA PHE A 177 17.04 10.46 17.32
C PHE A 177 17.60 11.43 18.32
N TYR A 178 16.75 11.78 19.29
CA TYR A 178 17.11 12.74 20.31
C TYR A 178 17.22 12.04 21.64
N ARG A 179 18.07 12.59 22.52
CA ARG A 179 18.13 12.19 23.90
C ARG A 179 17.55 13.31 24.76
N VAL A 180 16.62 12.97 25.64
CA VAL A 180 15.98 13.97 26.51
C VAL A 180 16.53 13.85 27.97
N TRP A 181 16.89 14.99 28.55
CA TRP A 181 17.88 15.02 29.61
C TRP A 181 17.33 15.03 31.05
N GLY A 182 16.08 15.44 31.21
CA GLY A 182 15.57 15.78 32.53
C GLY A 182 15.61 17.29 32.72
N ASN A 183 16.47 17.95 31.97
CA ASN A 183 16.52 19.37 31.89
C ASN A 183 15.37 19.94 31.12
N ASN A 184 14.54 19.07 30.57
CA ASN A 184 13.63 19.45 29.53
C ASN A 184 14.43 20.06 28.38
N THR A 185 15.55 19.40 28.10
CA THR A 185 16.47 19.81 27.04
C THR A 185 16.97 18.54 26.34
N GLU A 186 17.53 18.67 25.15
CA GLU A 186 17.86 17.48 24.37
C GLU A 186 19.04 17.63 23.47
N THR A 187 19.59 16.49 23.05
CA THR A 187 20.72 16.43 22.19
C THR A 187 20.43 15.50 21.02
N LEU A 188 20.76 15.95 19.82
CA LEU A 188 20.66 15.09 18.65
C LEU A 188 21.70 14.02 18.74
N VAL A 189 21.25 12.77 18.77
CA VAL A 189 22.15 11.62 18.83
C VAL A 189 22.39 10.98 17.46
N SER A 190 21.35 10.93 16.64
CA SER A 190 21.44 10.19 15.39
C SER A 190 20.56 10.84 14.31
N LYS A 191 20.97 10.72 13.05
CA LYS A 191 20.17 11.21 11.91
C LYS A 191 20.62 10.62 10.58
N GLY A 192 19.68 10.00 9.91
CA GLY A 192 19.92 9.43 8.60
C GLY A 192 18.69 8.70 8.15
N LYS A 193 18.86 7.79 7.20
CA LYS A 193 17.74 7.01 6.70
C LYS A 193 17.56 5.73 7.49
N GLU A 194 18.33 5.57 8.56
CA GLU A 194 18.18 4.45 9.48
C GLU A 194 16.96 4.66 10.41
N ALA A 195 16.14 3.65 10.55
CA ALA A 195 14.91 3.77 11.34
C ALA A 195 15.13 3.36 12.77
N THR A 196 16.34 2.92 13.09
CA THR A 196 16.63 2.43 14.42
C THR A 196 17.84 3.09 15.01
N LEU A 197 17.98 2.93 16.32
CA LEU A 197 19.11 3.45 17.08
C LEU A 197 19.61 2.35 17.96
N THR A 198 20.89 2.04 17.88
CA THR A 198 21.45 1.01 18.72
C THR A 198 22.62 1.54 19.50
N LYS A 199 22.44 1.66 20.81
CA LYS A 199 23.54 1.76 21.71
C LYS A 199 23.76 0.39 22.27
N PRO A 200 24.79 -0.30 21.78
CA PRO A 200 25.06 -1.67 22.20
C PRO A 200 25.58 -1.73 23.61
N MET A 201 25.51 -2.93 24.21
CA MET A 201 25.99 -3.22 25.60
C MET A 201 25.81 -2.11 26.63
N VAL A 202 24.57 -1.69 26.76
CA VAL A 202 24.20 -0.44 27.40
C VAL A 202 24.57 -0.44 28.88
N GLY A 203 24.39 0.70 29.55
CA GLY A 203 24.61 0.81 30.97
C GLY A 203 23.69 1.81 31.61
N PRO A 204 23.59 1.79 32.94
CA PRO A 204 22.62 2.56 33.76
C PRO A 204 22.49 4.06 33.42
N GLU A 205 23.53 4.66 32.87
CA GLU A 205 23.49 6.08 32.48
C GLU A 205 22.65 6.21 31.28
N ASP A 206 22.75 5.21 30.43
CA ASP A 206 22.12 5.24 29.14
C ASP A 206 20.60 5.16 29.28
N ALA A 207 20.13 4.81 30.46
CA ALA A 207 18.70 4.87 30.74
C ALA A 207 18.19 6.30 30.55
N GLY A 208 16.89 6.44 30.34
CA GLY A 208 16.27 7.75 30.29
C GLY A 208 15.20 7.87 29.20
N SER A 209 15.05 9.06 28.67
CA SER A 209 14.06 9.30 27.69
C SER A 209 14.71 9.58 26.37
N TYR A 210 14.20 8.97 25.32
CA TYR A 210 14.69 9.22 23.98
C TYR A 210 13.55 9.63 23.11
N ARG A 211 13.85 10.20 21.95
CA ARG A 211 12.83 10.65 21.04
C ARG A 211 13.25 10.53 19.60
N CYS A 212 12.34 10.02 18.78
CA CYS A 212 12.54 9.91 17.33
C CYS A 212 11.58 10.82 16.58
N GLU A 213 12.13 11.63 15.67
CA GLU A 213 11.34 12.38 14.68
C GLU A 213 11.61 11.83 13.30
N LEU A 214 10.55 11.62 12.53
CA LEU A 214 10.68 11.40 11.08
C LEU A 214 10.26 12.65 10.32
N GLY A 215 11.19 13.25 9.58
CA GLY A 215 10.89 14.48 8.85
C GLY A 215 10.15 14.22 7.54
N SER A 216 9.56 15.29 6.98
CA SER A 216 9.09 15.23 5.61
C SER A 216 9.44 16.48 4.89
N VAL A 217 9.62 16.36 3.56
CA VAL A 217 9.84 17.51 2.70
C VAL A 217 8.57 18.26 2.62
N ASN A 218 8.72 19.55 2.66
CA ASN A 218 9.60 20.14 3.64
C ASN A 218 8.84 20.86 4.71
N SER A 219 8.36 20.07 5.68
CA SER A 219 7.38 20.52 6.65
C SER A 219 7.33 19.59 7.83
N SER A 220 6.24 19.71 8.58
CA SER A 220 6.06 19.06 9.84
C SER A 220 6.44 17.57 9.76
N PRO A 221 6.94 17.01 10.86
CA PRO A 221 7.28 15.61 11.05
C PRO A 221 6.18 14.64 10.66
N ALA A 222 6.54 13.59 9.95
CA ALA A 222 5.61 12.51 9.68
C ALA A 222 5.30 11.69 10.91
N THR A 223 6.30 11.55 11.81
CA THR A 223 6.12 10.73 13.01
C THR A 223 6.92 11.26 14.20
N ILE A 224 6.30 11.24 15.38
CA ILE A 224 7.05 11.37 16.62
C ILE A 224 6.83 10.14 17.48
N ILE A 225 7.93 9.51 17.90
CA ILE A 225 7.87 8.44 18.87
C ILE A 225 8.76 8.75 20.07
N ASN A 226 8.21 8.62 21.26
CA ASN A 226 8.95 8.79 22.49
C ASN A 226 9.23 7.43 23.12
N PHE A 227 10.48 7.21 23.54
CA PHE A 227 10.81 6.00 24.32
C PHE A 227 11.21 6.39 25.73
N HIS A 228 10.78 5.62 26.71
CA HIS A 228 11.37 5.73 28.04
C HIS A 228 12.13 4.47 28.32
N VAL A 229 13.43 4.59 28.50
CA VAL A 229 14.29 3.43 28.65
C VAL A 229 14.69 3.29 30.10
N THR A 230 14.45 2.10 30.67
CA THR A 230 14.88 1.76 32.03
C THR A 230 15.81 0.57 31.98
N VAL A 231 17.03 0.73 32.46
CA VAL A 231 17.98 -0.34 32.43
C VAL A 231 17.87 -1.15 33.69
N LEU A 232 18.01 -2.46 33.52
CA LEU A 232 17.82 -3.41 34.59
C LEU A 232 19.13 -4.04 35.01
N PRO A 233 19.49 -3.88 36.28
CA PRO A 233 20.65 -4.55 36.77
C PRO A 233 20.40 -6.03 36.85
N LYS A 234 20.60 -6.73 35.74
CA LYS A 234 20.16 -8.14 35.66
C LYS A 234 20.97 -8.99 34.69
N MET A 235 20.64 -10.28 34.65
CA MET A 235 21.23 -11.21 33.67
C MET A 235 20.68 -10.91 32.28
C1 NAG B . 20.89 18.89 30.92
C2 NAG B . 22.26 19.50 30.73
C3 NAG B . 23.29 18.48 30.27
C4 NAG B . 23.38 17.33 31.30
C5 NAG B . 22.00 16.74 31.59
C6 NAG B . 21.97 15.81 32.77
C7 NAG B . 23.09 21.55 29.73
C8 NAG B . 22.79 22.70 28.80
N2 NAG B . 22.13 20.64 29.86
O3 NAG B . 24.56 19.13 30.12
O4 NAG B . 24.22 16.32 30.84
O5 NAG B . 21.02 17.79 31.87
O6 NAG B . 23.05 14.89 32.72
O7 NAG B . 24.19 21.44 30.28
#